data_1ZEF
#
_entry.id   1ZEF
#
_cell.length_a   87.791
_cell.length_b   114.944
_cell.length_c   106.341
_cell.angle_alpha   90.00
_cell.angle_beta   90.00
_cell.angle_gamma   90.00
#
_symmetry.space_group_name_H-M   'C 2 2 21'
#
loop_
_entity.id
_entity.type
_entity.pdbx_description
1 polymer 'Alkaline phosphatase'
2 non-polymer 2-acetamido-2-deoxy-beta-D-glucopyranose
3 non-polymer PHENYLALANINE
4 non-polymer 'ZINC ION'
5 non-polymer 'MAGNESIUM ION'
6 non-polymer 'CALCIUM ION'
7 water water
#
_entity_poly.entity_id   1
_entity_poly.type   'polypeptide(L)'
_entity_poly.pdbx_seq_one_letter_code
;IIPVEEENPDFWNREAAEALGAAKKLQPAQTAAKNLIIFLGDGMGVSTVTAARILKGQKKDKLGPEIPLAMDRFPYVALS
KTYNVDKHVPD(SEP)GATATAYLCGVKGNFQTIGLSAAARFNQCNTTRGNEVISVMNRAKKAGKSVGVVTTTRVQHASP
AGTYAHTVNRNWYSDADVPASARQEGCQDIATQLISNMDIDVILGGGRKYMFRMGTPDPEYPDDYSQGGTRLDGKNLVQE
WLAKRQGARYVWNRTELMQASLDPSVTHLMGLFEPGDMKYEIHRDSTLDPSLMEMTEAALRLLSRNPRGFFLFVEGGRID
HGHHESRAYRALTETIMFDDAIERAGQLTSEEDTLSLVTADHSHVFSFGGYPLRGSSIFGLAPGKARDRKAYTVLLYGNG
PGYVLKDGARPDVTESESGSPEYRQQSAVPLDEETHAGEDVAVFARGPQAHLVHGVQEQTFIAHVMAFAACLEPYTACDL
APPAGTTD
;
_entity_poly.pdbx_strand_id   A
#
loop_
_chem_comp.id
_chem_comp.type
_chem_comp.name
_chem_comp.formula
CA non-polymer 'CALCIUM ION' 'Ca 2'
MG non-polymer 'MAGNESIUM ION' 'Mg 2'
NAG D-saccharide, beta linking 2-acetamido-2-deoxy-beta-D-glucopyranose 'C8 H15 N O6'
ZN non-polymer 'ZINC ION' 'Zn 2'
#
# COMPACT_ATOMS: atom_id res chain seq x y z
N ILE A 1 -28.14 12.49 12.67
CA ILE A 1 -28.53 12.23 14.09
C ILE A 1 -27.55 12.89 15.08
N ILE A 2 -28.06 13.50 16.13
CA ILE A 2 -27.19 14.08 17.15
C ILE A 2 -27.07 13.12 18.30
N PRO A 3 -25.88 12.57 18.56
CA PRO A 3 -25.71 11.67 19.71
C PRO A 3 -25.84 12.46 21.00
N VAL A 4 -26.67 11.98 21.91
CA VAL A 4 -27.00 12.79 23.09
C VAL A 4 -25.79 13.06 23.98
N GLU A 5 -24.94 12.05 24.16
CA GLU A 5 -23.71 12.20 24.94
C GLU A 5 -22.87 13.44 24.54
N GLU A 6 -22.85 13.70 23.25
CA GLU A 6 -22.08 14.81 22.66
C GLU A 6 -22.68 16.20 22.85
N GLU A 7 -23.93 16.27 23.30
CA GLU A 7 -24.56 17.56 23.63
C GLU A 7 -24.04 18.19 24.90
N ASN A 8 -23.40 17.40 25.75
CA ASN A 8 -22.85 17.89 27.00
C ASN A 8 -21.39 18.30 26.77
N PRO A 9 -21.02 19.54 27.07
CA PRO A 9 -19.62 19.97 26.90
C PRO A 9 -18.66 19.07 27.64
N ASP A 10 -19.08 18.53 28.77
CA ASP A 10 -18.20 17.67 29.56
C ASP A 10 -17.66 16.51 28.74
N PHE A 11 -18.45 16.03 27.79
CA PHE A 11 -18.00 14.91 26.95
C PHE A 11 -16.71 15.30 26.22
N TRP A 12 -16.76 16.49 25.65
CA TRP A 12 -15.69 17.01 24.85
C TRP A 12 -14.53 17.39 25.75
N ASN A 13 -14.85 17.94 26.92
CA ASN A 13 -13.80 18.37 27.83
C ASN A 13 -13.07 17.19 28.44
N ARG A 14 -13.79 16.13 28.73
CA ARG A 14 -13.17 14.91 29.23
C ARG A 14 -12.28 14.28 28.16
N GLU A 15 -12.79 14.13 26.96
CA GLU A 15 -12.00 13.58 25.85
C GLU A 15 -10.71 14.36 25.64
N ALA A 16 -10.85 15.68 25.65
CA ALA A 16 -9.69 16.55 25.42
C ALA A 16 -8.70 16.46 26.56
N ALA A 17 -9.22 16.38 27.78
CA ALA A 17 -8.33 16.23 28.92
C ALA A 17 -7.59 14.89 28.85
N GLU A 18 -8.27 13.85 28.41
CA GLU A 18 -7.62 12.55 28.19
C GLU A 18 -6.58 12.61 27.08
N ALA A 19 -6.90 13.35 26.03
CA ALA A 19 -5.98 13.50 24.93
C ALA A 19 -4.75 14.27 25.40
N LEU A 20 -4.95 15.31 26.21
CA LEU A 20 -3.81 16.06 26.71
C LEU A 20 -2.93 15.16 27.60
N GLY A 21 -3.58 14.35 28.44
CA GLY A 21 -2.86 13.38 29.28
C GLY A 21 -1.99 12.44 28.48
N ALA A 22 -2.55 11.88 27.42
CA ALA A 22 -1.84 10.95 26.56
C ALA A 22 -0.70 11.65 25.86
N ALA A 23 -0.97 12.86 25.39
CA ALA A 23 0.05 13.65 24.70
C ALA A 23 1.26 13.88 25.59
N LYS A 24 0.98 14.20 26.85
CA LYS A 24 2.01 14.48 27.85
C LYS A 24 2.82 13.25 28.21
N LYS A 25 2.22 12.08 28.09
CA LYS A 25 2.90 10.83 28.41
C LYS A 25 3.85 10.36 27.32
N LEU A 26 3.75 10.91 26.11
CA LEU A 26 4.66 10.48 25.05
C LEU A 26 6.10 10.82 25.38
N GLN A 27 6.96 9.85 25.23
CA GLN A 27 8.38 10.05 25.44
C GLN A 27 9.13 9.42 24.30
N PRO A 28 10.16 10.07 23.81
CA PRO A 28 11.02 9.48 22.79
C PRO A 28 11.85 8.33 23.34
N ALA A 29 12.05 7.31 22.54
CA ALA A 29 12.91 6.17 22.84
C ALA A 29 14.35 6.58 22.67
N GLN A 30 15.23 6.01 23.48
CA GLN A 30 16.68 6.14 23.31
C GLN A 30 17.20 4.95 22.53
N THR A 31 16.31 4.02 22.16
CA THR A 31 16.69 2.73 21.64
C THR A 31 16.29 2.60 20.19
N ALA A 32 16.97 1.71 19.52
CA ALA A 32 16.83 1.44 18.11
C ALA A 32 15.63 0.58 17.90
N ALA A 33 15.17 0.54 16.66
CA ALA A 33 14.16 -0.40 16.23
C ALA A 33 14.83 -1.71 15.81
N LYS A 34 14.39 -2.82 16.37
CA LYS A 34 14.72 -4.15 15.87
C LYS A 34 14.02 -4.44 14.54
N ASN A 35 12.76 -4.06 14.47
CA ASN A 35 11.95 -4.37 13.31
C ASN A 35 11.43 -3.09 12.69
N LEU A 36 11.16 -3.14 11.40
CA LEU A 36 10.62 -2.02 10.65
C LEU A 36 9.47 -2.48 9.85
N ILE A 37 8.37 -1.74 9.90
CA ILE A 37 7.25 -2.06 9.03
C ILE A 37 6.79 -0.79 8.38
N ILE A 38 6.65 -0.84 7.07
CA ILE A 38 5.98 0.24 6.37
C ILE A 38 4.67 -0.30 5.77
N PHE A 39 3.57 0.32 6.13
CA PHE A 39 2.26 0.02 5.60
C PHE A 39 1.94 1.14 4.61
N LEU A 40 1.74 0.77 3.39
CA LEU A 40 1.56 1.71 2.29
C LEU A 40 0.19 1.53 1.74
N GLY A 41 -0.64 2.54 1.95
CA GLY A 41 -1.95 2.62 1.35
C GLY A 41 -1.83 3.32 0.02
N ASP A 42 -1.95 2.55 -1.06
CA ASP A 42 -1.67 3.13 -2.31
C ASP A 42 -2.88 4.00 -2.65
N GLY A 43 -2.63 5.29 -2.78
CA GLY A 43 -3.68 6.25 -3.13
C GLY A 43 -4.45 6.75 -1.93
N MET A 44 -4.01 6.38 -0.74
CA MET A 44 -4.73 6.65 0.48
C MET A 44 -4.46 8.05 1.07
N GLY A 45 -4.99 9.07 0.40
CA GLY A 45 -4.84 10.42 0.86
C GLY A 45 -5.77 10.73 2.01
N VAL A 46 -5.68 11.97 2.46
CA VAL A 46 -6.35 12.39 3.68
C VAL A 46 -7.86 12.19 3.52
N SER A 47 -8.42 12.52 2.34
CA SER A 47 -9.86 12.36 2.13
C SER A 47 -10.24 10.91 2.17
N THR A 48 -9.36 10.04 1.70
CA THR A 48 -9.61 8.61 1.77
C THR A 48 -9.59 8.12 3.20
N VAL A 49 -8.62 8.55 3.99
CA VAL A 49 -8.58 8.17 5.38
C VAL A 49 -9.86 8.53 6.11
N THR A 50 -10.32 9.77 6.00
CA THR A 50 -11.50 10.23 6.72
C THR A 50 -12.72 9.50 6.27
N ALA A 51 -12.89 9.41 4.95
CA ALA A 51 -14.02 8.64 4.41
C ALA A 51 -14.01 7.17 4.87
N ALA A 52 -12.87 6.53 4.86
CA ALA A 52 -12.74 5.16 5.35
C ALA A 52 -13.02 5.04 6.83
N ARG A 53 -12.61 6.03 7.61
CA ARG A 53 -12.87 6.03 9.02
C ARG A 53 -14.39 6.02 9.26
N ILE A 54 -15.09 6.83 8.51
CA ILE A 54 -16.52 6.98 8.68
C ILE A 54 -17.17 5.67 8.28
N LEU A 55 -16.75 5.10 7.16
CA LEU A 55 -17.31 3.83 6.72
C LEU A 55 -17.03 2.74 7.72
N LYS A 56 -15.80 2.67 8.23
CA LYS A 56 -15.43 1.63 9.20
C LYS A 56 -16.28 1.79 10.46
N GLY A 57 -16.50 3.04 10.86
CA GLY A 57 -17.18 3.37 12.09
C GLY A 57 -18.58 2.86 12.00
N GLN A 58 -19.18 3.08 10.86
CA GLN A 58 -20.54 2.69 10.63
C GLN A 58 -20.69 1.20 10.46
N LYS A 59 -19.70 0.53 9.88
CA LYS A 59 -19.67 -0.92 9.83
C LYS A 59 -19.66 -1.55 11.22
N LYS A 60 -19.13 -0.85 12.20
CA LYS A 60 -19.28 -1.27 13.59
C LYS A 60 -20.63 -0.69 14.08
N ASP A 61 -20.77 -0.47 15.39
CA ASP A 61 -22.05 0.08 15.90
C ASP A 61 -22.34 1.55 15.51
N LYS A 62 -21.41 2.25 14.85
CA LYS A 62 -21.20 3.67 15.19
C LYS A 62 -21.65 4.70 14.16
N LEU A 63 -21.60 5.97 14.56
CA LEU A 63 -22.01 7.05 13.65
C LEU A 63 -20.97 7.28 12.56
N GLY A 64 -19.71 7.04 12.92
CA GLY A 64 -18.59 6.98 11.97
C GLY A 64 -17.34 7.78 12.38
N PRO A 65 -17.42 9.10 12.24
CA PRO A 65 -16.21 9.95 12.24
C PRO A 65 -15.51 10.04 13.60
N GLU A 66 -16.21 9.66 14.65
CA GLU A 66 -15.66 9.65 16.01
C GLU A 66 -14.88 8.37 16.34
N ILE A 67 -14.98 7.34 15.51
CA ILE A 67 -14.30 6.06 15.77
C ILE A 67 -12.93 6.05 15.11
N PRO A 68 -11.86 5.92 15.91
CA PRO A 68 -10.52 5.85 15.31
C PRO A 68 -10.29 4.61 14.45
N LEU A 69 -9.68 4.85 13.29
CA LEU A 69 -9.00 3.78 12.54
C LEU A 69 -7.83 3.31 13.38
N ALA A 70 -7.34 2.11 13.15
CA ALA A 70 -6.08 1.69 13.77
C ALA A 70 -4.95 2.67 13.51
N MET A 71 -4.85 3.15 12.29
CA MET A 71 -3.83 4.16 11.97
C MET A 71 -3.98 5.43 12.76
N ASP A 72 -5.22 5.83 13.11
CA ASP A 72 -5.47 7.05 13.87
C ASP A 72 -4.88 7.02 15.28
N ARG A 73 -4.59 5.83 15.78
CA ARG A 73 -4.08 5.67 17.13
C ARG A 73 -2.56 5.84 17.16
N PHE A 74 -1.92 5.90 16.00
CA PHE A 74 -0.49 6.07 15.99
C PHE A 74 -0.20 7.48 16.55
N PRO A 75 0.81 7.61 17.40
CA PRO A 75 1.05 8.87 18.09
C PRO A 75 1.62 9.96 17.23
N TYR A 76 2.41 9.62 16.23
CA TYR A 76 3.11 10.68 15.50
C TYR A 76 2.63 10.74 14.07
N VAL A 77 2.33 11.94 13.66
CA VAL A 77 1.82 12.25 12.35
C VAL A 77 2.65 13.35 11.74
N ALA A 78 2.93 13.19 10.46
CA ALA A 78 3.54 14.24 9.67
C ALA A 78 2.79 14.30 8.32
N LEU A 79 2.98 15.41 7.62
CA LEU A 79 2.55 15.50 6.26
C LEU A 79 3.75 15.20 5.39
N SER A 80 3.49 14.52 4.27
CA SER A 80 4.52 14.05 3.35
C SER A 80 4.25 14.63 1.97
N LYS A 81 5.26 15.29 1.42
CA LYS A 81 5.15 15.94 0.13
C LYS A 81 5.52 14.91 -0.92
N THR A 82 4.59 14.64 -1.81
CA THR A 82 4.70 13.46 -2.69
C THR A 82 5.22 13.71 -4.10
N TYR A 83 5.42 14.97 -4.46
CA TYR A 83 5.83 15.29 -5.83
C TYR A 83 7.00 14.44 -6.27
N ASN A 84 6.95 14.01 -7.52
CA ASN A 84 8.09 13.39 -8.15
C ASN A 84 8.96 14.49 -8.68
N VAL A 85 10.20 14.14 -9.05
CA VAL A 85 11.10 15.19 -9.49
C VAL A 85 10.53 15.88 -10.74
N ASP A 86 9.92 15.10 -11.61
CA ASP A 86 9.45 15.63 -12.88
C ASP A 86 7.95 15.98 -12.97
N LYS A 87 7.16 15.57 -11.96
CA LYS A 87 5.70 15.75 -12.01
C LYS A 87 5.19 16.10 -10.63
N HIS A 88 4.32 17.09 -10.54
CA HIS A 88 3.72 17.50 -9.28
C HIS A 88 2.80 16.44 -8.75
N VAL A 89 2.05 15.81 -9.64
CA VAL A 89 1.17 14.73 -9.24
C VAL A 89 1.89 13.42 -9.65
N PRO A 90 2.27 12.63 -8.69
CA PRO A 90 3.21 11.54 -8.92
C PRO A 90 2.55 10.21 -9.25
N ASP A 91 3.38 9.23 -9.57
CA ASP A 91 2.94 7.86 -9.71
C ASP A 91 3.51 7.03 -8.59
N SEP A 92 3.13 5.77 -8.61
CA SEP A 92 3.52 4.83 -7.57
CB SEP A 92 2.66 3.58 -7.66
OG SEP A 92 1.30 3.92 -7.44
C SEP A 92 4.96 4.40 -7.62
O SEP A 92 5.51 4.05 -6.61
P SEP A 92 0.24 3.80 -8.82
O1P SEP A 92 0.82 4.70 -9.85
O2P SEP A 92 0.26 2.35 -9.22
O3P SEP A 92 -0.98 4.27 -8.05
N GLY A 93 5.55 4.38 -8.80
CA GLY A 93 6.93 3.90 -8.93
C GLY A 93 7.86 4.89 -8.30
N ALA A 94 7.74 6.15 -8.72
CA ALA A 94 8.71 7.14 -8.26
C ALA A 94 8.51 7.57 -6.80
N THR A 95 7.28 7.52 -6.33
CA THR A 95 7.02 7.71 -4.90
C THR A 95 7.67 6.53 -4.12
N ALA A 96 7.54 5.31 -4.59
CA ALA A 96 8.15 4.15 -3.94
C ALA A 96 9.65 4.38 -3.82
N THR A 97 10.27 4.97 -4.84
CA THR A 97 11.69 5.30 -4.72
C THR A 97 11.90 6.18 -3.50
N ALA A 98 11.01 7.15 -3.34
CA ALA A 98 11.10 8.10 -2.24
C ALA A 98 10.93 7.40 -0.89
N TYR A 99 9.82 6.75 -0.68
CA TYR A 99 9.55 6.24 0.67
C TYR A 99 10.24 4.91 0.98
N LEU A 100 10.76 4.20 -0.04
CA LEU A 100 11.48 2.96 0.18
C LEU A 100 12.98 3.09 0.01
N CYS A 101 13.43 4.00 -0.84
CA CYS A 101 14.87 4.19 -1.05
C CYS A 101 15.40 5.52 -0.57
N GLY A 102 14.53 6.50 -0.31
CA GLY A 102 14.91 7.73 0.32
C GLY A 102 15.43 8.77 -0.63
N VAL A 103 15.11 8.58 -1.90
CA VAL A 103 15.49 9.49 -2.94
C VAL A 103 14.30 9.67 -3.87
N LYS A 104 14.08 10.89 -4.35
CA LYS A 104 12.96 11.13 -5.26
C LYS A 104 13.39 10.77 -6.65
N GLY A 105 12.41 10.34 -7.45
CA GLY A 105 12.66 9.90 -8.80
C GLY A 105 11.67 10.50 -9.78
N ASN A 106 11.85 10.13 -11.03
CA ASN A 106 10.95 10.48 -12.12
C ASN A 106 9.83 9.50 -12.30
N PHE A 107 8.66 10.07 -12.53
CA PHE A 107 7.39 9.40 -12.83
C PHE A 107 7.62 8.13 -13.64
N GLN A 108 7.15 7.02 -13.09
CA GLN A 108 7.02 5.71 -13.71
C GLN A 108 8.32 4.95 -13.75
N THR A 109 9.35 5.47 -13.08
CA THR A 109 10.55 4.70 -12.76
C THR A 109 10.47 4.21 -11.33
N ILE A 110 11.30 3.22 -11.02
CA ILE A 110 11.33 2.57 -9.72
C ILE A 110 12.75 2.32 -9.29
N GLY A 111 13.13 2.76 -8.11
CA GLY A 111 14.39 2.43 -7.52
C GLY A 111 15.56 3.08 -8.23
N LEU A 112 15.30 4.21 -8.88
CA LEU A 112 16.29 4.95 -9.63
C LEU A 112 16.25 6.40 -9.24
N SER A 113 17.41 7.02 -9.18
CA SER A 113 17.44 8.45 -9.03
C SER A 113 16.82 9.12 -10.24
N ALA A 114 16.61 10.42 -10.13
CA ALA A 114 16.02 11.19 -11.21
C ALA A 114 17.01 11.57 -12.31
N ALA A 115 18.21 11.01 -12.27
CA ALA A 115 19.12 11.04 -13.43
C ALA A 115 18.66 10.08 -14.50
N ALA A 116 17.90 9.07 -14.11
CA ALA A 116 17.35 8.14 -15.05
C ALA A 116 16.18 8.75 -15.76
N ARG A 117 15.77 8.13 -16.86
CA ARG A 117 14.65 8.60 -17.64
C ARG A 117 13.71 7.45 -17.96
N PHE A 118 12.42 7.71 -17.79
CA PHE A 118 11.40 6.74 -18.08
C PHE A 118 11.60 6.13 -19.46
N ASN A 119 11.57 4.82 -19.49
CA ASN A 119 11.57 3.99 -20.67
C ASN A 119 12.85 4.12 -21.47
N GLN A 120 13.95 4.49 -20.82
CA GLN A 120 15.24 4.59 -21.51
C GLN A 120 16.19 3.74 -20.70
N CYS A 121 16.24 2.47 -21.08
CA CYS A 121 17.05 1.49 -20.38
C CYS A 121 18.50 1.94 -20.19
N ASN A 122 19.04 2.63 -21.19
CA ASN A 122 20.43 3.06 -21.16
C ASN A 122 20.73 4.20 -20.20
N THR A 123 19.72 4.65 -19.45
CA THR A 123 19.93 5.61 -18.39
C THR A 123 19.88 5.00 -17.01
N THR A 124 19.83 3.68 -16.95
CA THR A 124 19.64 2.98 -15.69
C THR A 124 20.88 2.98 -14.85
N ARG A 125 21.98 2.47 -15.41
CA ARG A 125 23.11 2.13 -14.60
C ARG A 125 23.83 3.32 -13.98
N GLY A 126 24.17 3.15 -12.71
CA GLY A 126 24.69 4.23 -11.89
C GLY A 126 23.63 5.02 -11.14
N ASN A 127 22.37 4.84 -11.51
CA ASN A 127 21.26 5.56 -10.90
C ASN A 127 20.42 4.72 -9.96
N GLU A 128 20.85 3.49 -9.71
CA GLU A 128 20.17 2.58 -8.81
C GLU A 128 20.29 3.13 -7.41
N VAL A 129 19.17 3.19 -6.67
CA VAL A 129 19.21 3.63 -5.29
C VAL A 129 18.66 2.48 -4.49
N ILE A 130 19.37 2.11 -3.43
CA ILE A 130 19.12 0.88 -2.71
C ILE A 130 18.07 1.14 -1.62
N SER A 131 17.11 0.24 -1.51
CA SER A 131 15.99 0.41 -0.61
C SER A 131 16.42 0.14 0.81
N VAL A 132 15.67 0.63 1.73
CA VAL A 132 15.97 0.28 3.11
C VAL A 132 15.72 -1.19 3.37
N MET A 133 14.80 -1.80 2.65
CA MET A 133 14.61 -3.23 2.78
C MET A 133 15.89 -3.98 2.38
N ASN A 134 16.50 -3.56 1.30
CA ASN A 134 17.73 -4.17 0.87
C ASN A 134 18.82 -4.01 1.97
N ARG A 135 18.94 -2.83 2.53
CA ARG A 135 19.89 -2.55 3.61
C ARG A 135 19.58 -3.35 4.88
N ALA A 136 18.31 -3.54 5.16
CA ALA A 136 17.89 -4.37 6.27
C ALA A 136 18.37 -5.81 6.09
N LYS A 137 18.18 -6.36 4.89
CA LYS A 137 18.67 -7.70 4.56
C LYS A 137 20.19 -7.82 4.71
N LYS A 138 20.90 -6.82 4.21
CA LYS A 138 22.36 -6.76 4.30
C LYS A 138 22.79 -6.84 5.77
N ALA A 139 22.02 -6.21 6.63
CA ALA A 139 22.31 -6.18 8.06
C ALA A 139 21.82 -7.43 8.79
N GLY A 140 21.32 -8.40 8.05
CA GLY A 140 20.98 -9.70 8.60
C GLY A 140 19.52 -9.85 8.96
N LYS A 141 18.69 -8.82 8.72
CA LYS A 141 17.28 -8.94 9.01
C LYS A 141 16.57 -9.77 7.96
N SER A 142 15.46 -10.37 8.34
CA SER A 142 14.60 -11.04 7.36
C SER A 142 13.73 -9.92 6.77
N VAL A 143 13.30 -10.11 5.54
CA VAL A 143 12.55 -9.07 4.85
C VAL A 143 11.35 -9.67 4.13
N GLY A 144 10.29 -8.88 4.04
CA GLY A 144 9.05 -9.36 3.47
C GLY A 144 8.34 -8.27 2.69
N VAL A 145 7.70 -8.71 1.62
CA VAL A 145 6.89 -7.86 0.77
C VAL A 145 5.52 -8.50 0.70
N VAL A 146 4.49 -7.75 1.07
CA VAL A 146 3.12 -8.23 1.08
C VAL A 146 2.26 -7.16 0.42
N THR A 147 1.46 -7.56 -0.56
CA THR A 147 0.57 -6.60 -1.23
C THR A 147 -0.60 -7.29 -1.89
N THR A 148 -1.67 -6.56 -2.08
CA THR A 148 -2.82 -7.06 -2.86
C THR A 148 -2.66 -6.84 -4.35
N THR A 149 -1.63 -6.11 -4.79
CA THR A 149 -1.31 -6.09 -6.19
C THR A 149 -0.35 -7.22 -6.54
N ARG A 150 -0.12 -7.32 -7.84
CA ARG A 150 1.05 -7.99 -8.34
C ARG A 150 2.25 -7.62 -7.48
N VAL A 151 3.05 -8.60 -7.06
CA VAL A 151 4.24 -8.30 -6.30
C VAL A 151 5.28 -7.57 -7.16
N GLN A 152 5.09 -7.57 -8.47
CA GLN A 152 5.88 -6.83 -9.44
C GLN A 152 5.34 -5.44 -9.77
N HIS A 153 4.27 -5.06 -9.09
CA HIS A 153 3.67 -3.77 -9.29
C HIS A 153 4.58 -2.71 -8.67
N ALA A 154 4.32 -1.44 -8.98
CA ALA A 154 5.27 -0.36 -8.73
C ALA A 154 5.67 -0.25 -7.25
N SER A 155 4.69 -0.30 -6.35
CA SER A 155 4.99 -0.13 -4.93
C SER A 155 5.88 -1.23 -4.35
N PRO A 156 5.47 -2.48 -4.41
CA PRO A 156 6.35 -3.53 -3.88
C PRO A 156 7.70 -3.55 -4.63
N ALA A 157 7.68 -3.23 -5.92
CA ALA A 157 8.92 -3.28 -6.73
C ALA A 157 9.93 -2.30 -6.20
N GLY A 158 9.44 -1.25 -5.55
CA GLY A 158 10.34 -0.26 -4.96
C GLY A 158 11.23 -0.84 -3.89
N THR A 159 10.83 -1.93 -3.26
CA THR A 159 11.63 -2.50 -2.22
C THR A 159 12.80 -3.26 -2.79
N TYR A 160 12.72 -3.71 -4.04
CA TYR A 160 13.79 -4.56 -4.58
C TYR A 160 14.33 -4.25 -5.95
N ALA A 161 13.56 -3.54 -6.77
CA ALA A 161 13.86 -3.39 -8.18
C ALA A 161 14.41 -2.01 -8.52
N HIS A 162 15.03 -1.94 -9.67
CA HIS A 162 15.52 -0.71 -10.25
C HIS A 162 15.16 -0.79 -11.70
N THR A 163 14.25 0.02 -12.15
CA THR A 163 13.85 -0.03 -13.55
C THR A 163 13.35 1.32 -14.04
N VAL A 164 13.64 1.61 -15.29
CA VAL A 164 13.17 2.84 -15.89
C VAL A 164 11.73 2.70 -16.37
N ASN A 165 11.15 1.53 -16.23
CA ASN A 165 9.77 1.38 -16.70
C ASN A 165 9.04 0.39 -15.86
N ARG A 166 8.17 0.97 -15.03
CA ARG A 166 7.35 0.18 -14.14
C ARG A 166 6.44 -0.83 -14.88
N ASN A 167 6.21 -0.64 -16.18
CA ASN A 167 5.37 -1.54 -16.95
C ASN A 167 6.05 -2.83 -17.37
N TRP A 168 7.33 -2.96 -17.04
CA TRP A 168 8.12 -4.13 -17.45
C TRP A 168 8.00 -5.26 -16.48
N TYR A 169 6.80 -5.80 -16.37
CA TYR A 169 6.53 -6.82 -15.40
C TYR A 169 7.26 -8.12 -15.72
N SER A 170 7.17 -8.53 -16.97
CA SER A 170 7.90 -9.71 -17.42
C SER A 170 8.66 -9.36 -18.67
N ASP A 171 9.48 -10.30 -19.11
CA ASP A 171 10.25 -10.06 -20.34
C ASP A 171 9.39 -9.78 -21.56
N ALA A 172 8.18 -10.31 -21.58
CA ALA A 172 7.22 -10.00 -22.64
C ALA A 172 6.97 -8.52 -22.83
N ASP A 173 7.13 -7.74 -21.76
CA ASP A 173 6.90 -6.30 -21.78
C ASP A 173 8.10 -5.44 -22.16
N VAL A 174 9.29 -6.05 -22.10
CA VAL A 174 10.53 -5.33 -22.28
C VAL A 174 10.90 -5.35 -23.76
N PRO A 175 11.06 -4.19 -24.36
CA PRO A 175 11.42 -4.11 -25.76
C PRO A 175 12.72 -4.83 -25.97
N ALA A 176 12.93 -5.41 -27.15
CA ALA A 176 14.15 -6.16 -27.43
C ALA A 176 15.41 -5.35 -27.13
N SER A 177 15.42 -4.06 -27.43
CA SER A 177 16.63 -3.27 -27.23
C SER A 177 16.98 -3.19 -25.75
N ALA A 178 15.95 -3.09 -24.90
CA ALA A 178 16.16 -3.07 -23.47
C ALA A 178 16.58 -4.42 -22.94
N ARG A 179 16.05 -5.49 -23.52
CA ARG A 179 16.44 -6.81 -23.07
C ARG A 179 17.92 -7.00 -23.40
N GLN A 180 18.32 -6.56 -24.59
CA GLN A 180 19.71 -6.71 -25.00
C GLN A 180 20.61 -5.92 -24.08
N GLU A 181 20.12 -4.74 -23.67
CA GLU A 181 20.87 -3.85 -22.79
C GLU A 181 20.84 -4.29 -21.36
N GLY A 182 20.18 -5.40 -21.06
CA GLY A 182 20.24 -6.01 -19.75
C GLY A 182 19.31 -5.38 -18.70
N CYS A 183 18.26 -4.67 -19.13
CA CYS A 183 17.25 -4.21 -18.18
C CYS A 183 16.30 -5.35 -17.93
N GLN A 184 16.40 -5.93 -16.75
CA GLN A 184 15.65 -7.11 -16.40
C GLN A 184 14.24 -6.70 -16.06
N ASP A 185 13.30 -7.53 -16.48
CA ASP A 185 11.92 -7.33 -16.11
C ASP A 185 11.81 -7.48 -14.60
N ILE A 186 10.74 -6.93 -14.07
CA ILE A 186 10.58 -6.85 -12.62
C ILE A 186 10.46 -8.22 -12.00
N ALA A 187 9.76 -9.15 -12.67
CA ALA A 187 9.62 -10.48 -12.11
C ALA A 187 11.00 -11.12 -11.92
N THR A 188 11.88 -10.95 -12.90
CA THR A 188 13.23 -11.45 -12.76
C THR A 188 13.92 -10.78 -11.57
N GLN A 189 13.80 -9.45 -11.50
CA GLN A 189 14.46 -8.68 -10.43
C GLN A 189 14.00 -9.14 -9.07
N LEU A 190 12.73 -9.48 -8.96
CA LEU A 190 12.16 -10.00 -7.74
C LEU A 190 12.91 -11.19 -7.20
N ILE A 191 13.30 -12.12 -8.07
CA ILE A 191 14.00 -13.33 -7.57
C ILE A 191 15.50 -13.14 -7.56
N SER A 192 16.00 -12.12 -8.23
CA SER A 192 17.44 -12.06 -8.51
C SER A 192 18.20 -10.95 -7.78
N ASN A 193 17.55 -9.81 -7.51
CA ASN A 193 18.31 -8.65 -7.01
C ASN A 193 18.78 -8.87 -5.58
N MET A 194 17.91 -9.49 -4.79
CA MET A 194 18.18 -9.65 -3.37
C MET A 194 17.38 -10.82 -2.85
N ASP A 195 17.81 -11.28 -1.69
CA ASP A 195 17.10 -12.32 -1.01
C ASP A 195 15.93 -11.69 -0.28
N ILE A 196 14.75 -12.24 -0.50
CA ILE A 196 13.52 -11.73 0.14
C ILE A 196 12.92 -12.95 0.76
N ASP A 197 12.67 -12.88 2.06
CA ASP A 197 12.25 -14.06 2.80
C ASP A 197 10.82 -14.40 2.58
N VAL A 198 9.99 -13.37 2.38
CA VAL A 198 8.57 -13.52 2.23
C VAL A 198 8.10 -12.60 1.12
N ILE A 199 7.43 -13.17 0.13
CA ILE A 199 6.88 -12.44 -0.98
C ILE A 199 5.46 -12.91 -1.14
N LEU A 200 4.49 -12.04 -0.89
CA LEU A 200 3.09 -12.41 -0.90
C LEU A 200 2.28 -11.36 -1.67
N GLY A 201 1.53 -11.83 -2.65
CA GLY A 201 0.63 -10.98 -3.39
C GLY A 201 0.19 -11.64 -4.67
N GLY A 202 -0.04 -10.82 -5.68
CA GLY A 202 -0.44 -11.31 -6.98
C GLY A 202 0.77 -11.46 -7.87
N GLY A 203 0.50 -11.71 -9.14
CA GLY A 203 1.52 -11.69 -10.18
C GLY A 203 2.09 -13.04 -10.56
N ARG A 204 1.30 -14.09 -10.44
CA ARG A 204 1.77 -15.39 -10.90
C ARG A 204 2.23 -15.38 -12.36
N LYS A 205 1.51 -14.69 -13.23
CA LYS A 205 1.64 -14.92 -14.67
C LYS A 205 3.00 -14.56 -15.19
N TYR A 206 3.62 -13.53 -14.60
CA TYR A 206 4.93 -13.08 -15.00
C TYR A 206 6.07 -14.00 -14.67
N MET A 207 5.83 -15.05 -13.92
CA MET A 207 6.86 -15.94 -13.42
C MET A 207 7.02 -17.18 -14.28
N PHE A 208 6.14 -17.36 -15.24
CA PHE A 208 6.04 -18.60 -15.99
C PHE A 208 6.04 -18.37 -17.46
N ARG A 209 6.54 -19.37 -18.17
CA ARG A 209 6.63 -19.26 -19.61
C ARG A 209 5.25 -19.24 -20.26
N MET A 210 5.18 -18.48 -21.33
CA MET A 210 4.02 -18.42 -22.19
C MET A 210 3.55 -19.85 -22.45
N GLY A 211 2.27 -20.05 -22.29
CA GLY A 211 1.70 -21.37 -22.44
C GLY A 211 1.48 -22.09 -21.15
N THR A 212 2.03 -21.60 -20.03
CA THR A 212 1.86 -22.27 -18.76
C THR A 212 0.50 -21.91 -18.21
N PRO A 213 -0.37 -22.89 -18.04
CA PRO A 213 -1.67 -22.62 -17.45
C PRO A 213 -1.53 -22.12 -16.02
N ASP A 214 -2.32 -21.12 -15.72
CA ASP A 214 -2.46 -20.67 -14.34
C ASP A 214 -3.09 -21.81 -13.49
N PRO A 215 -2.58 -22.10 -12.30
CA PRO A 215 -3.15 -23.18 -11.48
C PRO A 215 -4.58 -22.96 -11.09
N GLU A 216 -5.01 -21.70 -11.02
CA GLU A 216 -6.32 -21.36 -10.55
C GLU A 216 -7.32 -21.21 -11.68
N TYR A 217 -6.84 -20.84 -12.84
CA TYR A 217 -7.70 -20.55 -13.99
C TYR A 217 -7.16 -21.28 -15.23
N PRO A 218 -7.01 -22.60 -15.16
CA PRO A 218 -6.31 -23.35 -16.22
C PRO A 218 -7.07 -23.34 -17.56
N ASP A 219 -8.33 -22.94 -17.51
CA ASP A 219 -9.23 -22.79 -18.67
C ASP A 219 -9.38 -21.38 -19.17
N ASP A 220 -8.62 -20.42 -18.62
CA ASP A 220 -8.61 -19.06 -19.17
C ASP A 220 -7.20 -18.75 -19.62
N TYR A 221 -6.96 -18.88 -20.93
CA TYR A 221 -5.60 -18.79 -21.45
C TYR A 221 -4.98 -17.40 -21.20
N SER A 222 -5.83 -16.38 -21.07
CA SER A 222 -5.38 -15.01 -20.80
C SER A 222 -4.66 -14.87 -19.44
N GLN A 223 -4.88 -15.81 -18.55
CA GLN A 223 -4.31 -15.81 -17.22
C GLN A 223 -3.01 -16.59 -17.12
N GLY A 224 -2.57 -17.19 -18.24
CA GLY A 224 -1.40 -18.04 -18.22
C GLY A 224 -0.09 -17.25 -18.18
N GLY A 225 1.02 -18.00 -18.19
CA GLY A 225 2.34 -17.45 -18.13
C GLY A 225 2.54 -16.50 -19.28
N THR A 226 3.40 -15.51 -19.05
CA THR A 226 3.66 -14.49 -20.05
C THR A 226 5.04 -14.56 -20.60
N ARG A 227 5.94 -15.35 -20.00
CA ARG A 227 7.36 -15.20 -20.26
C ARG A 227 7.77 -15.74 -21.61
N LEU A 228 8.70 -15.03 -22.22
CA LEU A 228 9.17 -15.34 -23.55
C LEU A 228 10.47 -16.13 -23.49
N ASP A 229 11.15 -16.07 -22.35
CA ASP A 229 12.49 -16.61 -22.21
C ASP A 229 12.49 -18.05 -21.72
N GLY A 230 11.31 -18.65 -21.62
CA GLY A 230 11.19 -20.03 -21.20
C GLY A 230 11.45 -20.32 -19.72
N LYS A 231 11.68 -19.30 -18.92
CA LYS A 231 12.05 -19.48 -17.52
C LYS A 231 10.84 -19.65 -16.65
N ASN A 232 11.00 -20.50 -15.65
CA ASN A 232 10.09 -20.65 -14.56
C ASN A 232 10.79 -19.97 -13.40
N LEU A 233 10.47 -18.72 -13.14
CA LEU A 233 11.14 -17.97 -12.07
C LEU A 233 10.84 -18.49 -10.66
N VAL A 234 9.70 -19.12 -10.50
CA VAL A 234 9.35 -19.68 -9.22
C VAL A 234 10.30 -20.85 -8.95
N GLN A 235 10.48 -21.72 -9.93
CA GLN A 235 11.39 -22.84 -9.74
C GLN A 235 12.82 -22.35 -9.50
N GLU A 236 13.24 -21.31 -10.22
CA GLU A 236 14.57 -20.79 -10.06
C GLU A 236 14.74 -20.24 -8.65
N TRP A 237 13.74 -19.52 -8.17
CA TRP A 237 13.79 -18.99 -6.82
C TRP A 237 13.86 -20.09 -5.76
N LEU A 238 12.99 -21.06 -5.88
CA LEU A 238 12.98 -22.19 -4.97
C LEU A 238 14.33 -22.93 -4.96
N ALA A 239 14.95 -23.03 -6.11
CA ALA A 239 16.15 -23.84 -6.28
C ALA A 239 17.33 -23.20 -5.56
N LYS A 240 17.26 -21.88 -5.37
CA LYS A 240 18.34 -21.12 -4.73
C LYS A 240 18.37 -21.24 -3.19
N ARG A 241 17.31 -21.77 -2.56
CA ARG A 241 17.15 -21.72 -1.11
C ARG A 241 16.53 -22.97 -0.52
N GLN A 242 17.23 -23.58 0.42
CA GLN A 242 16.69 -24.73 1.16
C GLN A 242 15.61 -24.19 2.10
N GLY A 243 14.48 -24.85 2.20
CA GLY A 243 13.41 -24.36 3.06
C GLY A 243 12.51 -23.34 2.35
N ALA A 244 12.66 -23.24 1.04
CA ALA A 244 11.82 -22.33 0.28
C ALA A 244 10.53 -23.04 -0.10
N ARG A 245 9.41 -22.31 -0.07
CA ARG A 245 8.13 -22.86 -0.47
C ARG A 245 7.42 -21.84 -1.36
N TYR A 246 6.79 -22.34 -2.39
CA TYR A 246 5.88 -21.59 -3.22
C TYR A 246 4.47 -22.03 -2.97
N VAL A 247 3.54 -21.08 -2.79
CA VAL A 247 2.13 -21.39 -2.65
C VAL A 247 1.34 -20.45 -3.55
N TRP A 248 0.15 -20.88 -3.98
CA TRP A 248 -0.71 -20.06 -4.81
C TRP A 248 -2.10 -19.96 -4.26
N ASN A 249 -2.34 -20.58 -3.10
CA ASN A 249 -3.62 -20.43 -2.43
C ASN A 249 -3.50 -20.33 -0.92
N ARG A 250 -4.61 -19.94 -0.33
CA ARG A 250 -4.66 -19.55 1.07
C ARG A 250 -4.34 -20.70 1.99
N THR A 251 -4.87 -21.87 1.69
CA THR A 251 -4.66 -22.96 2.64
C THR A 251 -3.19 -23.37 2.65
N GLU A 252 -2.55 -23.40 1.50
CA GLU A 252 -1.12 -23.67 1.48
C GLU A 252 -0.31 -22.59 2.15
N LEU A 253 -0.76 -21.33 2.00
CA LEU A 253 -0.09 -20.24 2.68
C LEU A 253 -0.12 -20.44 4.18
N MET A 254 -1.31 -20.73 4.70
CA MET A 254 -1.43 -20.86 6.14
C MET A 254 -0.56 -22.00 6.62
N GLN A 255 -0.57 -23.12 5.89
CA GLN A 255 0.23 -24.29 6.21
C GLN A 255 1.73 -23.93 6.25
N ALA A 256 2.22 -23.27 5.20
CA ALA A 256 3.61 -22.84 5.14
C ALA A 256 3.99 -21.89 6.28
N SER A 257 3.08 -21.00 6.67
CA SER A 257 3.38 -19.98 7.65
C SER A 257 3.58 -20.58 9.05
N LEU A 258 3.02 -21.76 9.26
CA LEU A 258 3.16 -22.44 10.53
C LEU A 258 4.26 -23.52 10.55
N ASP A 259 4.93 -23.71 9.42
CA ASP A 259 5.92 -24.77 9.23
C ASP A 259 7.31 -24.21 9.55
N PRO A 260 7.93 -24.74 10.59
CA PRO A 260 9.19 -24.20 11.09
C PRO A 260 10.33 -24.40 10.07
N SER A 261 10.20 -25.38 9.19
CA SER A 261 11.21 -25.63 8.17
C SER A 261 11.09 -24.67 6.98
N VAL A 262 10.00 -23.91 6.91
CA VAL A 262 9.84 -22.97 5.80
C VAL A 262 10.59 -21.70 6.20
N THR A 263 11.68 -21.42 5.50
CA THR A 263 12.44 -20.19 5.77
C THR A 263 12.20 -19.10 4.75
N HIS A 264 11.73 -19.48 3.56
CA HIS A 264 11.44 -18.53 2.51
C HIS A 264 10.13 -18.89 1.88
N LEU A 265 9.25 -17.91 1.69
CA LEU A 265 7.92 -18.23 1.24
C LEU A 265 7.51 -17.29 0.15
N MET A 266 7.09 -17.84 -0.98
CA MET A 266 6.59 -17.03 -2.08
C MET A 266 5.18 -17.47 -2.29
N GLY A 267 4.23 -16.55 -2.12
CA GLY A 267 2.81 -16.84 -2.25
C GLY A 267 2.26 -15.90 -3.30
N LEU A 268 1.82 -16.43 -4.44
CA LEU A 268 1.35 -15.61 -5.53
C LEU A 268 -0.07 -16.08 -5.85
N PHE A 269 -1.06 -15.25 -5.53
CA PHE A 269 -2.41 -15.71 -5.31
C PHE A 269 -3.34 -15.45 -6.45
N GLU A 270 -2.92 -14.63 -7.38
CA GLU A 270 -3.70 -14.44 -8.62
C GLU A 270 -2.72 -14.28 -9.75
N PRO A 271 -3.19 -14.41 -10.99
CA PRO A 271 -2.30 -14.17 -12.13
C PRO A 271 -1.78 -12.75 -12.16
N GLY A 272 -2.66 -11.76 -11.94
CA GLY A 272 -2.28 -10.37 -11.84
C GLY A 272 -2.56 -9.91 -10.43
N ASP A 273 -3.26 -8.79 -10.33
CA ASP A 273 -3.59 -8.25 -9.04
C ASP A 273 -4.54 -9.17 -8.34
N MET A 274 -4.52 -9.11 -7.01
CA MET A 274 -5.51 -9.83 -6.27
C MET A 274 -6.87 -9.17 -6.43
N LYS A 275 -7.91 -9.97 -6.21
CA LYS A 275 -9.23 -9.47 -6.24
C LYS A 275 -9.43 -8.44 -5.15
N TYR A 276 -10.33 -7.48 -5.43
CA TYR A 276 -10.82 -6.63 -4.37
C TYR A 276 -11.36 -7.51 -3.25
N GLU A 277 -11.19 -7.04 -2.02
CA GLU A 277 -11.67 -7.76 -0.88
C GLU A 277 -13.12 -8.15 -1.06
N ILE A 278 -13.93 -7.29 -1.65
CA ILE A 278 -15.36 -7.60 -1.79
C ILE A 278 -15.60 -8.74 -2.76
N HIS A 279 -14.60 -9.01 -3.60
CA HIS A 279 -14.66 -10.09 -4.55
C HIS A 279 -13.81 -11.30 -4.17
N ARG A 280 -13.11 -11.23 -3.05
CA ARG A 280 -12.15 -12.27 -2.73
C ARG A 280 -12.87 -13.60 -2.46
N ASP A 281 -12.37 -14.65 -3.04
CA ASP A 281 -12.78 -16.00 -2.67
C ASP A 281 -11.99 -16.42 -1.46
N SER A 282 -12.65 -16.47 -0.32
CA SER A 282 -11.99 -16.70 0.96
C SER A 282 -11.54 -18.13 1.20
N THR A 283 -11.88 -19.04 0.29
CA THR A 283 -11.33 -20.38 0.34
C THR A 283 -9.98 -20.42 -0.36
N LEU A 284 -9.85 -19.65 -1.43
CA LEU A 284 -8.67 -19.71 -2.29
C LEU A 284 -7.65 -18.63 -2.00
N ASP A 285 -8.13 -17.47 -1.50
CA ASP A 285 -7.25 -16.28 -1.42
C ASP A 285 -7.22 -15.67 -0.04
N PRO A 286 -6.02 -15.39 0.44
CA PRO A 286 -5.86 -14.75 1.72
C PRO A 286 -6.15 -13.24 1.63
N SER A 287 -6.71 -12.70 2.70
CA SER A 287 -6.90 -11.27 2.80
C SER A 287 -5.54 -10.65 3.07
N LEU A 288 -5.49 -9.34 2.94
CA LEU A 288 -4.28 -8.63 3.28
C LEU A 288 -3.84 -8.87 4.69
N MET A 289 -4.78 -8.86 5.61
CA MET A 289 -4.47 -9.12 7.00
C MET A 289 -3.85 -10.49 7.20
N GLU A 290 -4.40 -11.49 6.53
CA GLU A 290 -3.90 -12.85 6.61
C GLU A 290 -2.51 -12.97 6.01
N MET A 291 -2.27 -12.30 4.89
CA MET A 291 -0.95 -12.31 4.29
C MET A 291 0.03 -11.61 5.24
N THR A 292 -0.44 -10.55 5.90
CA THR A 292 0.49 -9.91 6.82
C THR A 292 0.85 -10.76 8.04
N GLU A 293 -0.13 -11.46 8.56
CA GLU A 293 0.14 -12.40 9.64
C GLU A 293 1.05 -13.52 9.20
N ALA A 294 0.80 -14.10 8.03
CA ALA A 294 1.65 -15.17 7.52
C ALA A 294 3.07 -14.68 7.42
N ALA A 295 3.23 -13.48 6.89
CA ALA A 295 4.55 -12.87 6.79
C ALA A 295 5.21 -12.73 8.13
N LEU A 296 4.45 -12.22 9.10
CA LEU A 296 5.04 -11.95 10.39
C LEU A 296 5.45 -13.25 11.12
N ARG A 297 4.67 -14.30 10.95
CA ARG A 297 5.04 -15.61 11.47
C ARG A 297 6.42 -16.05 11.07
N LEU A 298 6.75 -15.87 9.80
CA LEU A 298 8.08 -16.23 9.32
C LEU A 298 9.15 -15.20 9.69
N LEU A 299 8.85 -13.92 9.43
CA LEU A 299 9.82 -12.88 9.62
C LEU A 299 10.25 -12.72 11.06
N SER A 300 9.32 -12.99 11.97
CA SER A 300 9.55 -12.81 13.38
C SER A 300 10.55 -13.82 13.97
N ARG A 301 10.88 -14.87 13.25
CA ARG A 301 11.81 -15.90 13.80
C ARG A 301 13.24 -15.42 13.89
N ASN A 302 13.58 -14.41 13.11
CA ASN A 302 14.94 -13.95 13.03
C ASN A 302 15.29 -13.11 14.23
N PRO A 303 16.29 -13.51 15.02
CA PRO A 303 16.62 -12.72 16.20
C PRO A 303 17.11 -11.32 15.90
N ARG A 304 17.60 -11.09 14.69
CA ARG A 304 18.07 -9.78 14.26
C ARG A 304 16.95 -8.80 13.86
N GLY A 305 15.74 -9.32 13.73
CA GLY A 305 14.58 -8.51 13.35
C GLY A 305 14.26 -8.67 11.88
N PHE A 306 13.30 -7.84 11.44
CA PHE A 306 12.77 -7.89 10.08
C PHE A 306 12.38 -6.50 9.59
N PHE A 307 12.33 -6.39 8.27
CA PHE A 307 11.72 -5.29 7.60
C PHE A 307 10.54 -5.87 6.85
N LEU A 308 9.37 -5.24 6.99
CA LEU A 308 8.19 -5.74 6.27
C LEU A 308 7.50 -4.56 5.57
N PHE A 309 7.18 -4.75 4.30
CA PHE A 309 6.39 -3.83 3.49
C PHE A 309 5.00 -4.46 3.33
N VAL A 310 3.96 -3.74 3.72
CA VAL A 310 2.58 -4.20 3.58
C VAL A 310 1.83 -3.13 2.81
N GLU A 311 1.26 -3.49 1.66
CA GLU A 311 0.54 -2.52 0.85
C GLU A 311 -0.92 -2.84 0.70
N GLY A 312 -1.74 -1.84 1.04
CA GLY A 312 -3.12 -1.81 0.62
C GLY A 312 -3.13 -1.29 -0.78
N GLY A 313 -2.82 -2.18 -1.73
CA GLY A 313 -2.53 -1.76 -3.07
C GLY A 313 -3.66 -1.41 -4.00
N ARG A 314 -4.87 -1.84 -3.68
CA ARG A 314 -6.00 -1.65 -4.57
C ARG A 314 -6.98 -0.59 -4.05
N ILE A 315 -6.65 0.11 -2.95
CA ILE A 315 -7.28 1.39 -2.63
C ILE A 315 -7.24 2.24 -3.88
N ASP A 316 -6.02 2.38 -4.38
CA ASP A 316 -5.69 3.15 -5.54
C ASP A 316 -6.60 2.77 -6.72
N HIS A 317 -6.75 1.48 -6.91
CA HIS A 317 -7.50 0.94 -8.04
C HIS A 317 -8.96 1.29 -7.97
N GLY A 318 -9.51 1.23 -6.76
CA GLY A 318 -10.87 1.65 -6.57
C GLY A 318 -11.07 3.10 -6.97
N HIS A 319 -10.19 4.00 -6.53
CA HIS A 319 -10.32 5.42 -6.91
C HIS A 319 -10.18 5.58 -8.39
N HIS A 320 -9.24 4.87 -9.03
CA HIS A 320 -9.10 5.04 -10.52
C HIS A 320 -10.40 4.72 -11.25
N GLU A 321 -11.11 3.73 -10.72
CA GLU A 321 -12.41 3.34 -11.28
C GLU A 321 -13.52 4.34 -10.92
N SER A 322 -13.20 5.31 -10.07
CA SER A 322 -14.18 6.17 -9.44
C SER A 322 -15.25 5.40 -8.73
N ARG A 323 -14.84 4.29 -8.15
CA ARG A 323 -15.68 3.49 -7.29
C ARG A 323 -15.20 3.57 -5.89
N ALA A 324 -15.71 4.58 -5.19
CA ALA A 324 -15.29 4.83 -3.81
C ALA A 324 -15.57 3.66 -2.92
N TYR A 325 -16.63 2.91 -3.21
CA TYR A 325 -16.93 1.74 -2.42
C TYR A 325 -15.73 0.78 -2.38
N ARG A 326 -15.13 0.57 -3.52
CA ARG A 326 -13.94 -0.27 -3.63
C ARG A 326 -12.70 0.38 -2.97
N ALA A 327 -12.48 1.66 -3.22
CA ALA A 327 -11.35 2.37 -2.58
C ALA A 327 -11.46 2.24 -1.05
N LEU A 328 -12.65 2.43 -0.51
CA LEU A 328 -12.79 2.60 0.92
C LEU A 328 -12.81 1.24 1.61
N THR A 329 -13.41 0.23 0.98
CA THR A 329 -13.32 -1.12 1.53
C THR A 329 -11.91 -1.65 1.49
N GLU A 330 -11.16 -1.35 0.43
CA GLU A 330 -9.73 -1.70 0.46
C GLU A 330 -8.98 -0.97 1.60
N THR A 331 -9.38 0.25 1.89
CA THR A 331 -8.74 1.02 2.94
C THR A 331 -9.00 0.43 4.30
N ILE A 332 -10.24 0.01 4.53
CA ILE A 332 -10.56 -0.63 5.78
C ILE A 332 -9.73 -1.90 5.97
N MET A 333 -9.62 -2.72 4.93
CA MET A 333 -8.84 -3.97 5.06
C MET A 333 -7.37 -3.67 5.32
N PHE A 334 -6.88 -2.59 4.71
CA PHE A 334 -5.53 -2.11 4.93
C PHE A 334 -5.35 -1.75 6.41
N ASP A 335 -6.29 -1.01 6.94
CA ASP A 335 -6.27 -0.63 8.33
C ASP A 335 -6.35 -1.85 9.25
N ASP A 336 -7.14 -2.84 8.86
CA ASP A 336 -7.26 -4.10 9.59
C ASP A 336 -5.93 -4.84 9.62
N ALA A 337 -5.19 -4.78 8.53
CA ALA A 337 -3.85 -5.33 8.50
C ALA A 337 -2.90 -4.57 9.39
N ILE A 338 -3.03 -3.25 9.46
CA ILE A 338 -2.22 -2.45 10.40
C ILE A 338 -2.51 -2.86 11.85
N GLU A 339 -3.80 -2.99 12.13
CA GLU A 339 -4.20 -3.38 13.46
C GLU A 339 -3.64 -4.74 13.80
N ARG A 340 -3.75 -5.66 12.86
CA ARG A 340 -3.28 -7.01 13.11
C ARG A 340 -1.75 -7.06 13.34
N ALA A 341 -1.00 -6.35 12.49
CA ALA A 341 0.43 -6.27 12.69
C ALA A 341 0.76 -5.67 14.07
N GLY A 342 0.00 -4.69 14.54
CA GLY A 342 0.23 -4.13 15.85
C GLY A 342 -0.02 -5.10 17.01
N GLN A 343 -0.84 -6.11 16.76
CA GLN A 343 -1.10 -7.15 17.74
C GLN A 343 0.06 -8.14 17.83
N LEU A 344 0.78 -8.29 16.73
CA LEU A 344 1.76 -9.33 16.57
C LEU A 344 3.16 -8.80 16.75
N THR A 345 3.31 -7.50 17.00
CA THR A 345 4.62 -6.91 17.17
C THR A 345 4.56 -5.95 18.33
N SER A 346 5.70 -5.55 18.81
CA SER A 346 5.77 -4.65 19.94
C SER A 346 6.29 -3.29 19.51
N GLU A 347 5.61 -2.24 19.93
CA GLU A 347 6.13 -0.89 19.68
C GLU A 347 7.36 -0.58 20.47
N GLU A 348 7.76 -1.44 21.42
CA GLU A 348 9.03 -1.23 22.10
C GLU A 348 10.22 -1.48 21.17
N ASP A 349 10.06 -2.34 20.19
CA ASP A 349 11.14 -2.64 19.30
C ASP A 349 10.81 -2.59 17.81
N THR A 350 9.57 -2.18 17.49
CA THR A 350 9.13 -2.15 16.09
C THR A 350 8.72 -0.76 15.71
N LEU A 351 9.40 -0.18 14.72
CA LEU A 351 8.96 1.10 14.17
C LEU A 351 8.01 0.81 13.04
N SER A 352 6.78 1.29 13.18
CA SER A 352 5.77 1.07 12.18
C SER A 352 5.40 2.43 11.63
N LEU A 353 5.45 2.56 10.31
CA LEU A 353 4.91 3.74 9.61
C LEU A 353 3.79 3.35 8.67
N VAL A 354 2.72 4.14 8.67
CA VAL A 354 1.59 4.03 7.75
C VAL A 354 1.65 5.27 6.91
N THR A 355 1.63 5.11 5.61
CA THR A 355 1.51 6.28 4.76
C THR A 355 0.85 5.93 3.48
N ALA A 356 0.81 6.89 2.56
CA ALA A 356 0.27 6.70 1.24
C ALA A 356 1.34 7.12 0.30
N ASP A 357 1.31 6.59 -0.89
CA ASP A 357 2.25 7.09 -1.87
C ASP A 357 1.84 8.43 -2.43
N HIS A 358 0.53 8.67 -2.51
CA HIS A 358 -0.03 9.86 -3.10
C HIS A 358 -1.53 9.72 -2.84
N SER A 359 -2.26 10.76 -3.21
CA SER A 359 -3.65 10.78 -3.01
C SER A 359 -4.39 10.65 -4.37
N HIS A 360 -5.65 11.01 -4.34
CA HIS A 360 -6.53 11.01 -5.48
C HIS A 360 -7.44 12.19 -5.43
N VAL A 361 -8.10 12.49 -6.54
CA VAL A 361 -9.00 13.65 -6.64
C VAL A 361 -10.38 13.34 -6.10
N PHE A 362 -10.36 12.70 -4.95
CA PHE A 362 -11.51 12.17 -4.25
C PHE A 362 -11.92 13.21 -3.24
N SER A 363 -13.20 13.55 -3.20
CA SER A 363 -13.68 14.53 -2.22
C SER A 363 -14.93 14.03 -1.51
N PHE A 364 -15.06 14.51 -0.28
CA PHE A 364 -16.13 14.17 0.61
C PHE A 364 -16.82 15.47 1.01
N GLY A 365 -17.96 15.76 0.41
CA GLY A 365 -18.62 17.05 0.60
C GLY A 365 -20.14 16.93 0.66
N GLY A 366 -20.84 17.95 0.16
CA GLY A 366 -22.25 18.18 0.49
C GLY A 366 -22.25 18.40 2.00
N TYR A 367 -23.42 18.37 2.59
CA TYR A 367 -23.50 18.59 4.03
C TYR A 367 -24.30 17.49 4.66
N PRO A 368 -23.81 16.27 4.58
CA PRO A 368 -24.54 15.10 5.08
C PRO A 368 -24.65 15.11 6.59
N LEU A 369 -25.74 14.54 7.06
CA LEU A 369 -25.98 14.42 8.46
C LEU A 369 -25.09 13.39 9.09
N ARG A 370 -24.72 13.67 10.33
CA ARG A 370 -24.03 12.73 11.18
C ARG A 370 -24.73 11.34 11.12
N GLY A 371 -23.94 10.31 10.88
CA GLY A 371 -24.40 8.95 10.79
C GLY A 371 -24.89 8.54 9.45
N SER A 372 -24.95 9.46 8.50
CA SER A 372 -25.39 9.06 7.17
C SER A 372 -24.28 8.33 6.42
N SER A 373 -24.70 7.44 5.52
CA SER A 373 -23.80 6.61 4.75
C SER A 373 -22.92 7.47 3.90
N ILE A 374 -21.62 7.18 3.94
CA ILE A 374 -20.61 7.87 3.10
C ILE A 374 -20.96 7.70 1.61
N PHE A 375 -21.71 6.65 1.26
CA PHE A 375 -22.09 6.44 -0.15
C PHE A 375 -23.43 7.06 -0.56
N GLY A 376 -24.01 7.85 0.32
CA GLY A 376 -25.31 8.41 0.10
C GLY A 376 -25.26 9.74 -0.65
N LEU A 377 -26.46 10.28 -0.79
CA LEU A 377 -26.70 11.53 -1.46
C LEU A 377 -26.51 12.68 -0.51
N ALA A 378 -25.92 13.73 -1.02
CA ALA A 378 -25.88 14.98 -0.31
C ALA A 378 -27.33 15.47 -0.16
N PRO A 379 -27.64 16.07 0.97
CA PRO A 379 -28.96 16.72 1.15
C PRO A 379 -29.11 17.84 0.16
N GLY A 380 -30.29 17.97 -0.42
CA GLY A 380 -30.54 19.08 -1.31
C GLY A 380 -30.19 18.74 -2.74
N LYS A 381 -30.96 19.30 -3.65
CA LYS A 381 -30.71 19.09 -5.05
C LYS A 381 -29.66 20.08 -5.50
N ALA A 382 -29.01 19.69 -6.59
CA ALA A 382 -28.06 20.53 -7.27
C ALA A 382 -28.82 21.56 -8.09
N ARG A 383 -28.09 22.45 -8.74
CA ARG A 383 -28.71 23.52 -9.48
C ARG A 383 -29.45 23.01 -10.73
N ASP A 384 -29.15 21.79 -11.16
CA ASP A 384 -29.84 21.19 -12.31
C ASP A 384 -30.98 20.34 -11.85
N ARG A 385 -31.32 20.53 -10.58
CA ARG A 385 -32.48 20.00 -9.92
C ARG A 385 -32.40 18.48 -9.72
N LYS A 386 -31.21 17.92 -9.82
CA LYS A 386 -31.05 16.48 -9.60
C LYS A 386 -30.15 16.27 -8.39
N ALA A 387 -30.22 15.07 -7.85
CA ALA A 387 -29.47 14.73 -6.67
C ALA A 387 -27.95 14.61 -7.00
N TYR A 388 -27.15 14.59 -5.95
CA TYR A 388 -25.73 14.35 -6.10
C TYR A 388 -25.20 13.68 -4.86
N THR A 389 -24.06 13.03 -5.00
CA THR A 389 -23.47 12.24 -3.92
C THR A 389 -22.51 13.06 -3.04
N VAL A 390 -22.33 12.61 -1.81
CA VAL A 390 -21.38 13.27 -0.92
C VAL A 390 -19.96 12.99 -1.41
N LEU A 391 -19.77 11.83 -1.99
CA LEU A 391 -18.48 11.47 -2.57
C LEU A 391 -18.46 11.79 -4.03
N LEU A 392 -17.46 12.55 -4.43
CA LEU A 392 -17.22 12.91 -5.81
C LEU A 392 -15.75 12.86 -6.17
N TYR A 393 -15.48 12.87 -7.46
CA TYR A 393 -14.16 12.88 -8.01
C TYR A 393 -14.02 14.09 -8.90
N GLY A 394 -12.81 14.63 -8.94
CA GLY A 394 -12.56 15.77 -9.78
C GLY A 394 -12.68 15.31 -11.25
N ASN A 395 -12.10 14.15 -11.56
CA ASN A 395 -12.14 13.60 -12.89
C ASN A 395 -12.32 12.09 -12.77
N GLY A 396 -12.56 11.44 -13.90
CA GLY A 396 -12.62 10.00 -13.93
C GLY A 396 -13.87 9.51 -14.64
N PRO A 397 -14.04 8.20 -14.66
CA PRO A 397 -15.04 7.53 -15.49
C PRO A 397 -16.45 7.50 -14.98
N GLY A 398 -16.71 8.20 -13.87
CA GLY A 398 -18.06 8.42 -13.38
C GLY A 398 -18.75 9.60 -14.05
N TYR A 399 -18.05 10.33 -14.90
CA TYR A 399 -18.66 11.43 -15.60
C TYR A 399 -19.64 10.83 -16.60
N VAL A 400 -20.88 11.29 -16.56
CA VAL A 400 -21.91 10.81 -17.44
C VAL A 400 -22.80 11.91 -17.84
N LEU A 401 -23.25 11.82 -19.09
CA LEU A 401 -24.43 12.51 -19.58
C LEU A 401 -25.36 11.49 -20.22
N LYS A 402 -26.58 11.38 -19.69
CA LYS A 402 -27.69 10.70 -20.34
C LYS A 402 -28.56 11.78 -20.99
N ASP A 403 -28.72 11.70 -22.31
CA ASP A 403 -29.48 12.68 -23.10
C ASP A 403 -29.20 14.14 -22.74
N GLY A 404 -27.93 14.51 -22.82
CA GLY A 404 -27.49 15.90 -22.70
C GLY A 404 -27.39 16.45 -21.27
N ALA A 405 -27.62 15.58 -20.30
CA ALA A 405 -27.85 16.01 -18.91
C ALA A 405 -27.06 15.16 -17.91
N ARG A 406 -26.69 15.74 -16.78
CA ARG A 406 -26.15 14.97 -15.66
C ARG A 406 -27.24 14.05 -15.16
N PRO A 407 -26.96 12.77 -14.96
CA PRO A 407 -27.96 11.89 -14.43
C PRO A 407 -28.24 12.20 -12.97
N ASP A 408 -29.49 11.96 -12.65
CA ASP A 408 -29.96 11.93 -11.32
C ASP A 408 -29.36 10.67 -10.75
N VAL A 409 -29.35 10.55 -9.43
CA VAL A 409 -28.82 9.39 -8.76
C VAL A 409 -29.68 9.16 -7.54
N THR A 410 -29.94 7.89 -7.26
CA THR A 410 -30.69 7.51 -6.09
C THR A 410 -29.73 6.95 -5.08
N GLU A 411 -30.22 6.84 -3.86
CA GLU A 411 -29.47 6.18 -2.79
C GLU A 411 -29.16 4.72 -3.11
N SER A 412 -30.08 3.97 -3.70
CA SER A 412 -29.79 2.56 -3.96
C SER A 412 -28.70 2.48 -5.04
N GLU A 413 -28.75 3.38 -5.98
CA GLU A 413 -27.73 3.42 -7.00
C GLU A 413 -26.35 3.80 -6.42
N SER A 414 -26.33 4.86 -5.64
CA SER A 414 -25.08 5.41 -5.09
C SER A 414 -24.38 4.51 -4.09
N GLY A 415 -25.16 3.63 -3.47
CA GLY A 415 -24.69 2.67 -2.51
C GLY A 415 -24.15 1.39 -3.07
N SER A 416 -24.25 1.20 -4.38
CA SER A 416 -23.83 -0.06 -5.02
C SER A 416 -22.31 -0.17 -5.07
N PRO A 417 -21.76 -1.37 -4.85
CA PRO A 417 -20.32 -1.57 -4.95
C PRO A 417 -19.76 -1.30 -6.32
N GLU A 418 -20.62 -1.30 -7.35
CA GLU A 418 -20.18 -0.94 -8.67
C GLU A 418 -20.41 0.51 -9.03
N TYR A 419 -21.02 1.31 -8.15
CA TYR A 419 -21.34 2.67 -8.50
C TYR A 419 -20.08 3.51 -8.70
N ARG A 420 -20.07 4.26 -9.79
CA ARG A 420 -19.04 5.23 -10.05
C ARG A 420 -19.51 6.60 -9.71
N GLN A 421 -18.88 7.23 -8.71
CA GLN A 421 -19.21 8.60 -8.40
C GLN A 421 -18.88 9.52 -9.57
N GLN A 422 -19.74 10.51 -9.76
CA GLN A 422 -19.56 11.48 -10.81
C GLN A 422 -18.30 12.34 -10.63
N SER A 423 -17.86 12.90 -11.74
CA SER A 423 -16.70 13.74 -11.74
C SER A 423 -16.97 14.90 -12.64
N ALA A 424 -16.05 15.86 -12.64
CA ALA A 424 -16.12 17.05 -13.50
C ALA A 424 -15.69 16.79 -14.96
N VAL A 425 -14.84 15.79 -15.13
CA VAL A 425 -14.12 15.56 -16.38
C VAL A 425 -14.05 14.08 -16.65
N PRO A 426 -14.58 13.64 -17.79
CA PRO A 426 -14.55 12.22 -18.12
C PRO A 426 -13.12 11.77 -18.47
N LEU A 427 -12.62 10.75 -17.76
CA LEU A 427 -11.37 10.09 -18.08
C LEU A 427 -11.60 8.64 -17.86
N ASP A 428 -10.95 7.78 -18.62
CA ASP A 428 -11.06 6.36 -18.42
C ASP A 428 -10.67 5.94 -17.03
N GLU A 429 -9.65 6.60 -16.51
CA GLU A 429 -9.26 6.44 -15.12
C GLU A 429 -9.13 7.77 -14.45
N GLU A 430 -9.67 7.82 -13.25
CA GLU A 430 -9.49 8.95 -12.38
C GLU A 430 -8.02 9.08 -12.09
N THR A 431 -7.61 10.29 -11.81
CA THR A 431 -6.23 10.63 -11.64
C THR A 431 -5.81 10.64 -10.18
N HIS A 432 -4.55 10.34 -9.97
CA HIS A 432 -3.91 10.69 -8.70
C HIS A 432 -4.11 12.18 -8.43
N ALA A 433 -3.87 12.54 -7.18
CA ALA A 433 -3.81 13.91 -6.69
C ALA A 433 -2.50 14.20 -6.01
N GLY A 434 -2.12 15.47 -6.06
CA GLY A 434 -0.80 15.90 -5.62
C GLY A 434 -0.67 16.44 -4.23
N GLU A 435 -1.77 16.49 -3.48
CA GLU A 435 -1.66 17.06 -2.15
C GLU A 435 -0.90 16.14 -1.17
N ASP A 436 -0.42 16.74 -0.11
CA ASP A 436 0.34 16.02 0.92
C ASP A 436 -0.53 14.90 1.46
N VAL A 437 0.15 13.84 1.83
CA VAL A 437 -0.46 12.69 2.47
C VAL A 437 0.07 12.59 3.87
N ALA A 438 -0.64 11.85 4.68
CA ALA A 438 -0.25 11.69 6.07
C ALA A 438 0.77 10.57 6.20
N VAL A 439 1.60 10.72 7.21
CA VAL A 439 2.47 9.67 7.68
C VAL A 439 2.13 9.48 9.14
N PHE A 440 1.84 8.24 9.54
CA PHE A 440 1.50 7.91 10.92
C PHE A 440 2.64 7.04 11.41
N ALA A 441 3.16 7.27 12.62
CA ALA A 441 4.27 6.47 13.09
C ALA A 441 4.18 6.12 14.56
N ARG A 442 4.66 4.95 14.88
CA ARG A 442 4.78 4.48 16.23
C ARG A 442 5.99 3.58 16.36
N GLY A 443 6.51 3.51 17.56
CA GLY A 443 7.67 2.71 17.85
C GLY A 443 8.93 3.50 18.01
N PRO A 444 10.04 2.81 18.12
CA PRO A 444 11.31 3.48 18.37
C PRO A 444 11.65 4.48 17.29
N GLN A 445 11.91 5.70 17.73
CA GLN A 445 12.26 6.83 16.89
C GLN A 445 11.09 7.37 16.06
N ALA A 446 9.88 6.90 16.31
CA ALA A 446 8.68 7.38 15.59
C ALA A 446 8.47 8.87 15.83
N HIS A 447 8.95 9.35 16.97
CA HIS A 447 8.86 10.76 17.28
C HIS A 447 9.62 11.66 16.30
N LEU A 448 10.51 11.08 15.52
CA LEU A 448 11.19 11.83 14.47
C LEU A 448 10.30 12.15 13.26
N VAL A 449 9.20 11.41 13.14
CA VAL A 449 8.21 11.63 12.09
C VAL A 449 7.35 12.79 12.59
N HIS A 450 7.60 13.98 12.05
CA HIS A 450 6.99 15.19 12.54
C HIS A 450 6.93 16.23 11.39
N GLY A 451 6.03 17.16 11.52
CA GLY A 451 6.00 18.34 10.69
C GLY A 451 5.58 18.02 9.27
N VAL A 452 6.12 18.76 8.33
CA VAL A 452 5.91 18.58 6.91
C VAL A 452 7.26 18.20 6.35
N GLN A 453 7.34 17.03 5.73
CA GLN A 453 8.57 16.47 5.28
C GLN A 453 8.43 16.01 3.86
N GLU A 454 9.57 15.95 3.17
CA GLU A 454 9.62 15.25 1.91
C GLU A 454 9.32 13.79 2.11
N GLN A 455 8.75 13.16 1.09
CA GLN A 455 8.37 11.77 1.21
C GLN A 455 9.57 10.84 1.43
N THR A 456 10.74 11.29 1.03
CA THR A 456 11.96 10.56 1.26
C THR A 456 12.26 10.34 2.73
N PHE A 457 11.73 11.21 3.60
CA PHE A 457 11.95 11.08 5.02
C PHE A 457 11.50 9.73 5.57
N ILE A 458 10.48 9.15 4.97
CA ILE A 458 9.94 7.85 5.39
C ILE A 458 11.05 6.80 5.35
N ALA A 459 11.79 6.76 4.23
CA ALA A 459 12.84 5.78 4.11
C ALA A 459 13.96 6.08 5.12
N HIS A 460 14.32 7.34 5.24
CA HIS A 460 15.48 7.72 6.06
C HIS A 460 15.24 7.50 7.55
N VAL A 461 14.04 7.80 8.03
CA VAL A 461 13.75 7.59 9.44
C VAL A 461 13.77 6.11 9.76
N MET A 462 13.31 5.29 8.82
CA MET A 462 13.33 3.87 9.04
C MET A 462 14.78 3.31 9.08
N ALA A 463 15.63 3.76 8.16
CA ALA A 463 17.01 3.36 8.18
C ALA A 463 17.65 3.81 9.46
N PHE A 464 17.40 5.05 9.85
CA PHE A 464 18.02 5.61 11.03
C PHE A 464 17.59 4.82 12.28
N ALA A 465 16.29 4.65 12.43
CA ALA A 465 15.78 3.89 13.57
C ALA A 465 16.40 2.52 13.78
N ALA A 466 16.71 1.80 12.70
CA ALA A 466 17.27 0.46 12.78
C ALA A 466 18.77 0.45 12.59
N CYS A 467 19.39 1.64 12.55
CA CYS A 467 20.83 1.83 12.43
C CYS A 467 21.36 1.17 11.21
N LEU A 468 20.64 1.35 10.12
CA LEU A 468 21.04 0.81 8.85
C LEU A 468 21.75 1.92 8.14
N GLU A 469 22.60 1.53 7.22
CA GLU A 469 23.21 2.45 6.29
C GLU A 469 22.17 3.42 5.75
N PRO A 470 22.46 4.73 5.65
CA PRO A 470 23.73 5.37 6.00
C PRO A 470 23.86 5.81 7.47
N TYR A 471 23.06 5.23 8.36
CA TYR A 471 23.01 5.68 9.74
C TYR A 471 23.51 4.58 10.68
N THR A 472 24.54 3.85 10.30
CA THR A 472 25.07 2.80 11.22
C THR A 472 25.62 3.43 12.50
N ALA A 473 26.04 4.68 12.40
CA ALA A 473 26.43 5.48 13.58
C ALA A 473 25.22 6.24 14.15
N CYS A 474 24.08 5.57 14.19
CA CYS A 474 22.85 6.15 14.74
C CYS A 474 23.28 6.35 16.18
N ASP A 475 22.72 7.22 16.96
CA ASP A 475 23.45 7.15 18.25
C ASP A 475 22.71 6.34 19.29
N LEU A 476 22.13 5.21 18.86
CA LEU A 476 21.05 4.64 19.63
C LEU A 476 21.49 3.43 20.44
N ALA A 477 20.83 3.24 21.57
CA ALA A 477 21.00 2.02 22.35
C ALA A 477 20.32 0.86 21.63
N PRO A 478 20.71 -0.36 21.97
CA PRO A 478 20.11 -1.54 21.33
C PRO A 478 18.62 -1.56 21.52
N PRO A 479 17.90 -2.25 20.65
CA PRO A 479 16.45 -2.33 20.80
C PRO A 479 16.07 -2.84 22.17
N ALA A 480 15.02 -2.25 22.72
CA ALA A 480 14.41 -2.69 23.95
C ALA A 480 13.92 -4.13 23.76
N GLY A 481 14.09 -4.96 24.80
CA GLY A 481 14.07 -6.40 24.63
C GLY A 481 15.50 -6.94 24.50
C1 NAG B . 19.67 5.85 -25.08
C2 NAG B . 20.84 6.83 -25.31
C3 NAG B . 20.49 7.91 -26.37
C4 NAG B . 19.77 7.31 -27.59
C5 NAG B . 18.73 6.26 -27.19
C6 NAG B . 18.14 5.60 -28.44
C7 NAG B . 22.41 7.12 -23.47
C8 NAG B . 22.61 7.62 -22.07
N2 NAG B . 21.28 7.49 -24.08
O3 NAG B . 21.66 8.63 -26.75
O4 NAG B . 19.07 8.29 -28.33
O5 NAG B . 19.33 5.30 -26.34
O6 NAG B . 19.19 5.02 -29.22
O7 NAG B . 23.26 6.39 -23.95
N PHE C . -1.32 3.90 -10.57
CA PHE C . -2.45 3.72 -11.38
C PHE C . -2.62 2.26 -11.85
O PHE C . -3.46 1.55 -11.26
CB PHE C . -2.59 4.72 -12.61
CG PHE C . -1.34 5.40 -13.10
CD1 PHE C . -1.48 6.37 -14.08
CD2 PHE C . -0.07 5.11 -12.68
CE1 PHE C . -0.39 7.03 -14.60
CE2 PHE C . 1.03 5.78 -13.22
CZ PHE C . 0.86 6.73 -14.17
OXT PHE C . -1.70 1.62 -12.38
C1 NAG D . -3.78 -25.28 -2.96
C2 NAG D . -4.88 -26.16 -3.53
C3 NAG D . -4.59 -27.67 -3.39
C4 NAG D . -3.28 -27.97 -4.09
C5 NAG D . -2.18 -26.98 -3.68
C6 NAG D . -1.09 -27.13 -4.74
C7 NAG D . -7.22 -25.48 -3.74
C8 NAG D . -8.50 -25.19 -3.02
N2 NAG D . -6.17 -25.81 -2.98
O3 NAG D . -5.60 -28.32 -4.14
O4 NAG D . -2.78 -29.29 -3.87
O5 NAG D . -2.65 -25.65 -3.72
O6 NAG D . -0.02 -26.42 -4.21
O7 NAG D . -7.15 -25.40 -4.97
N PHE E . -7.18 -15.90 9.26
CA PHE E . -5.78 -16.32 9.13
C PHE E . -4.74 -15.20 9.36
O PHE E . -3.59 -15.55 9.69
CB PHE E . -5.61 -17.06 7.78
CG PHE E . -4.19 -17.25 7.35
CD1 PHE E . -3.12 -17.11 8.22
CD2 PHE E . -3.94 -17.59 6.05
CE1 PHE E . -1.86 -17.28 7.80
CE2 PHE E . -2.68 -17.76 5.64
CZ PHE E . -1.63 -17.60 6.51
OXT PHE E . -4.92 -14.06 9.87
ZN ZN F . -2.75 4.81 -9.16
ZN ZN G . -0.10 4.77 -6.14
MG MG H . 0.84 0.27 -5.38
CA CA I . -6.48 -16.78 -6.10
#